data_4UXQ
#
_entry.id   4UXQ
#
_cell.length_a   41.835
_cell.length_b   58.371
_cell.length_c   60.570
_cell.angle_alpha   90.00
_cell.angle_beta   96.48
_cell.angle_gamma   90.00
#
_symmetry.space_group_name_H-M   'P 1 21 1'
#
loop_
_entity.id
_entity.type
_entity.pdbx_description
1 polymer 'FIBROBLAST GROWTH FACTOR RECEPTOR 4'
2 non-polymer 'SULFATE ION'
3 non-polymer '3-(imidazo[1,2-b]pyridazin-3-ylethynyl)-4-methyl-N-{4-[(4-methylpiperazin-1-yl)methyl]-3-(trifluoromethyl)phenyl}benzam ide'
4 water water
#
_entity_poly.entity_id   1
_entity_poly.type   'polypeptide(L)'
_entity_poly.pdbx_seq_one_letter_code
;GSAGLVSLDLPLDPLWEFPRDRLVLGKPLGEGAFGQVVRAEAFGMDPARPDQASTVAVKMLKDNASDKDLADLVSEMEVM
KLIGRHKNIINLLGVCTQEGPLYVIVECAAKGNLREFLRARRPPGPDLSPDGPRSSEGPLSFPVLVSCAYQVARGMQYLE
SRKCIHRDLAARNVLVTEDNVMKIADFGLARGVHHIDYYKKTSNGRLPVKWMAPEALFDRVYTHQSDVWSFGILLWEIFT
LGGSPYPGIPVEELFSLLREGHRMDRPPHCPPELYGLMRECWHAAPSQRPTFKQLVEALDKVLLAVSEE
;
_entity_poly.pdbx_strand_id   A
#
loop_
_chem_comp.id
_chem_comp.type
_chem_comp.name
_chem_comp.formula
0LI non-polymer '3-(imidazo[1,2-b]pyridazin-3-ylethynyl)-4-methyl-N-{4-[(4-methylpiperazin-1-yl)methyl]-3-(trifluoromethyl)phenyl}benzam ide' 'C29 H27 F3 N6 O'
SO4 non-polymer 'SULFATE ION' 'O4 S -2'
#
# COMPACT_ATOMS: atom_id res chain seq x y z
N LEU A 8 -22.12 -10.13 -19.11
CA LEU A 8 -20.75 -10.53 -18.84
C LEU A 8 -20.21 -11.60 -19.81
N ASP A 9 -19.03 -11.34 -20.36
CA ASP A 9 -18.35 -12.18 -21.36
C ASP A 9 -16.83 -12.06 -21.21
N LEU A 10 -16.38 -11.91 -19.97
CA LEU A 10 -14.97 -11.79 -19.60
C LEU A 10 -14.24 -13.08 -20.00
N PRO A 11 -12.99 -13.01 -20.49
CA PRO A 11 -12.28 -14.23 -20.88
C PRO A 11 -11.96 -15.13 -19.70
N LEU A 12 -11.79 -16.42 -20.00
CA LEU A 12 -11.45 -17.42 -19.01
C LEU A 12 -9.97 -17.73 -19.12
N ASP A 13 -9.20 -17.37 -18.08
CA ASP A 13 -7.77 -17.66 -17.98
C ASP A 13 -7.67 -18.78 -16.91
N PRO A 14 -7.55 -20.08 -17.32
CA PRO A 14 -7.51 -21.17 -16.33
C PRO A 14 -6.35 -21.17 -15.34
N LEU A 15 -5.59 -20.44 -15.67
CA LEU A 15 -4.46 -20.21 -14.78
C LEU A 15 -4.84 -19.30 -13.58
N TRP A 16 -5.51 -18.71 -13.56
CA TRP A 16 -5.90 -17.75 -12.52
C TRP A 16 -7.29 -18.01 -12.00
N GLU A 17 -8.15 -18.61 -12.83
CA GLU A 17 -9.53 -18.92 -12.49
C GLU A 17 -9.66 -19.87 -11.32
N PHE A 18 -10.54 -19.49 -10.36
CA PHE A 18 -10.83 -20.28 -9.17
C PHE A 18 -12.37 -20.41 -9.02
N PRO A 19 -12.91 -21.61 -8.70
CA PRO A 19 -14.37 -21.74 -8.54
C PRO A 19 -14.88 -20.92 -7.35
N ARG A 20 -15.87 -20.05 -7.63
CA ARG A 20 -16.51 -19.17 -6.64
C ARG A 20 -17.23 -19.98 -5.54
N ASP A 21 -17.64 -21.22 -5.84
CA ASP A 21 -18.33 -22.08 -4.85
C ASP A 21 -17.38 -22.58 -3.81
N ARG A 22 -16.07 -22.41 -4.07
CA ARG A 22 -15.00 -22.78 -3.17
C ARG A 22 -14.69 -21.61 -2.23
N LEU A 23 -15.44 -20.49 -2.40
CA LEU A 23 -15.37 -19.30 -1.60
C LEU A 23 -16.58 -19.15 -0.65
N VAL A 24 -16.33 -18.88 0.65
CA VAL A 24 -17.37 -18.59 1.68
C VAL A 24 -17.08 -17.17 2.15
N LEU A 25 -17.85 -16.20 1.65
CA LEU A 25 -17.65 -14.78 1.99
C LEU A 25 -18.05 -14.44 3.42
N GLY A 26 -17.32 -13.51 4.01
CA GLY A 26 -17.54 -13.13 5.39
C GLY A 26 -17.45 -11.65 5.65
N LYS A 27 -16.75 -11.32 6.73
CA LYS A 27 -16.55 -9.96 7.24
C LYS A 27 -16.01 -8.96 6.21
N PRO A 28 -16.78 -7.88 5.91
CA PRO A 28 -16.25 -6.79 5.07
C PRO A 28 -15.01 -6.19 5.74
N LEU A 29 -14.00 -5.86 4.93
CA LEU A 29 -12.72 -5.30 5.36
C LEU A 29 -12.58 -3.84 4.93
N GLY A 30 -13.44 -3.37 4.02
CA GLY A 30 -13.38 -1.98 3.57
C GLY A 30 -13.97 -1.66 2.22
N GLU A 31 -14.60 -0.48 2.13
CA GLU A 31 -15.20 0.05 0.92
C GLU A 31 -14.18 0.93 0.22
N GLY A 32 -13.89 0.60 -1.04
CA GLY A 32 -12.95 1.35 -1.86
C GLY A 32 -13.69 2.38 -2.67
N ALA A 33 -13.04 2.89 -3.72
CA ALA A 33 -13.70 3.88 -4.55
C ALA A 33 -14.50 3.25 -5.69
N PHE A 34 -14.14 2.01 -6.10
CA PHE A 34 -14.89 1.30 -7.14
C PHE A 34 -15.20 -0.16 -6.75
N GLY A 35 -14.40 -0.70 -5.83
CA GLY A 35 -14.57 -2.04 -5.31
C GLY A 35 -14.84 -2.04 -3.82
N GLN A 36 -14.87 -3.24 -3.24
CA GLN A 36 -15.06 -3.51 -1.81
C GLN A 36 -14.33 -4.82 -1.46
N VAL A 37 -13.58 -4.78 -0.37
CA VAL A 37 -12.79 -5.92 0.07
C VAL A 37 -13.47 -6.65 1.20
N VAL A 38 -13.67 -7.94 1.05
CA VAL A 38 -14.28 -8.73 2.10
C VAL A 38 -13.38 -9.91 2.45
N ARG A 39 -13.43 -10.33 3.71
CA ARG A 39 -12.67 -11.48 4.20
C ARG A 39 -13.46 -12.70 3.79
N ALA A 40 -12.77 -13.80 3.41
CA ALA A 40 -13.44 -15.07 3.02
C ALA A 40 -12.61 -16.31 3.33
N GLU A 41 -13.29 -17.47 3.44
CA GLU A 41 -12.66 -18.78 3.59
C GLU A 41 -12.65 -19.37 2.18
N ALA A 42 -11.50 -19.83 1.72
CA ALA A 42 -11.38 -20.50 0.42
C ALA A 42 -11.11 -22.00 0.68
N PHE A 43 -11.65 -22.89 -0.16
CA PHE A 43 -11.36 -24.31 0.02
C PHE A 43 -10.62 -24.85 -1.18
N GLY A 44 -9.41 -25.33 -0.96
CA GLY A 44 -8.60 -25.89 -2.03
C GLY A 44 -7.88 -24.91 -2.92
N MET A 45 -7.41 -23.79 -2.33
CA MET A 45 -6.62 -22.81 -3.08
C MET A 45 -5.34 -23.50 -3.62
N ASP A 46 -4.90 -24.56 -2.92
CA ASP A 46 -3.81 -25.45 -3.30
C ASP A 46 -4.52 -26.68 -3.88
N PRO A 47 -4.36 -27.04 -5.17
CA PRO A 47 -5.10 -28.20 -5.70
C PRO A 47 -4.65 -29.55 -5.15
N ALA A 48 -3.48 -29.58 -4.49
CA ALA A 48 -2.96 -30.79 -3.82
C ALA A 48 -3.83 -31.11 -2.59
N ARG A 49 -4.31 -30.06 -1.89
CA ARG A 49 -5.19 -30.15 -0.72
C ARG A 49 -6.51 -29.46 -1.15
N PRO A 50 -7.39 -30.15 -1.92
CA PRO A 50 -8.61 -29.52 -2.42
C PRO A 50 -9.72 -29.24 -1.40
N ASP A 51 -9.67 -29.83 -0.22
CA ASP A 51 -10.70 -29.62 0.80
C ASP A 51 -10.17 -28.82 1.98
N GLN A 52 -8.93 -28.26 1.84
CA GLN A 52 -8.24 -27.48 2.84
C GLN A 52 -8.68 -26.02 2.85
N ALA A 53 -9.11 -25.53 4.04
CA ALA A 53 -9.52 -24.15 4.20
C ALA A 53 -8.31 -23.24 4.34
N SER A 54 -8.48 -21.99 3.92
CA SER A 54 -7.49 -20.91 4.01
C SER A 54 -8.24 -19.59 4.03
N THR A 55 -7.71 -18.60 4.74
CA THR A 55 -8.31 -17.27 4.89
C THR A 55 -7.76 -16.39 3.79
N VAL A 56 -8.64 -15.73 3.03
CA VAL A 56 -8.24 -14.87 1.91
C VAL A 56 -9.01 -13.55 1.97
N ALA A 57 -8.66 -12.60 1.11
CA ALA A 57 -9.37 -11.32 1.00
C ALA A 57 -9.83 -11.21 -0.46
N VAL A 58 -11.12 -10.91 -0.65
CA VAL A 58 -11.75 -10.83 -1.95
C VAL A 58 -12.20 -9.42 -2.27
N LYS A 59 -11.80 -8.89 -3.42
CA LYS A 59 -12.27 -7.60 -3.91
C LYS A 59 -13.33 -7.84 -4.98
N MET A 60 -14.48 -7.23 -4.79
CA MET A 60 -15.59 -7.32 -5.72
C MET A 60 -16.14 -5.89 -5.93
N LEU A 61 -17.05 -5.71 -6.87
CA LEU A 61 -17.64 -4.40 -7.12
C LEU A 61 -18.44 -3.93 -5.91
N LYS A 62 -18.38 -2.63 -5.67
CA LYS A 62 -19.07 -1.94 -4.60
C LYS A 62 -20.60 -1.95 -4.89
N ASP A 63 -21.39 -1.58 -3.88
CA ASP A 63 -22.85 -1.46 -3.98
C ASP A 63 -23.16 -0.26 -4.86
N ASN A 64 -24.15 -0.42 -5.75
CA ASN A 64 -24.60 0.59 -6.72
C ASN A 64 -23.46 0.91 -7.69
N ALA A 65 -22.93 -0.15 -8.34
CA ALA A 65 -21.80 0.00 -9.27
C ALA A 65 -22.25 0.14 -10.73
N SER A 66 -21.48 0.96 -11.48
CA SER A 66 -21.70 1.25 -12.89
C SER A 66 -20.80 0.38 -13.78
N ASP A 67 -20.70 0.72 -15.09
CA ASP A 67 -19.88 0.00 -16.05
C ASP A 67 -18.42 0.42 -15.97
N LYS A 68 -18.15 1.65 -15.51
CA LYS A 68 -16.78 2.18 -15.39
C LYS A 68 -16.07 1.49 -14.24
N ASP A 69 -16.79 1.27 -13.11
CA ASP A 69 -16.31 0.57 -11.91
C ASP A 69 -15.82 -0.82 -12.26
N LEU A 70 -16.62 -1.57 -13.07
CA LEU A 70 -16.32 -2.92 -13.56
C LEU A 70 -15.05 -2.91 -14.38
N ALA A 71 -14.88 -1.90 -15.28
CA ALA A 71 -13.69 -1.71 -16.09
C ALA A 71 -12.46 -1.44 -15.20
N ASP A 72 -12.66 -0.72 -14.07
CA ASP A 72 -11.60 -0.39 -13.12
C ASP A 72 -11.11 -1.63 -12.39
N LEU A 73 -12.06 -2.44 -11.87
CA LEU A 73 -11.79 -3.72 -11.23
C LEU A 73 -11.17 -4.71 -12.24
N VAL A 74 -11.62 -4.72 -13.53
CA VAL A 74 -11.03 -5.58 -14.58
C VAL A 74 -9.57 -5.16 -14.89
N SER A 75 -9.35 -3.86 -15.10
CA SER A 75 -8.00 -3.34 -15.37
C SER A 75 -7.07 -3.64 -14.22
N GLU A 76 -7.56 -3.44 -12.99
CA GLU A 76 -6.82 -3.73 -11.76
C GLU A 76 -6.41 -5.22 -11.69
N MET A 77 -7.36 -6.13 -12.04
CA MET A 77 -7.15 -7.59 -12.10
C MET A 77 -6.04 -7.91 -13.13
N GLU A 78 -6.10 -7.29 -14.33
CA GLU A 78 -5.09 -7.50 -15.37
C GLU A 78 -3.69 -7.06 -14.97
N VAL A 79 -3.59 -5.98 -14.20
CA VAL A 79 -2.30 -5.45 -13.70
C VAL A 79 -1.75 -6.39 -12.64
N MET A 80 -2.64 -6.90 -11.76
CA MET A 80 -2.26 -7.76 -10.65
C MET A 80 -1.66 -9.08 -11.10
N LYS A 81 -2.16 -9.63 -12.22
CA LYS A 81 -1.64 -10.88 -12.83
C LYS A 81 -0.15 -10.76 -13.21
N LEU A 82 0.36 -9.56 -13.46
CA LEU A 82 1.75 -9.36 -13.91
C LEU A 82 2.72 -8.96 -12.79
N ILE A 83 2.19 -8.50 -11.62
CA ILE A 83 2.96 -8.06 -10.46
C ILE A 83 3.97 -9.16 -10.02
N GLY A 84 3.52 -10.40 -10.00
CA GLY A 84 4.36 -11.51 -9.59
C GLY A 84 4.36 -11.69 -8.09
N ARG A 85 5.02 -12.78 -7.62
CA ARG A 85 5.12 -13.16 -6.23
C ARG A 85 6.43 -12.65 -5.58
N HIS A 86 6.28 -12.00 -4.42
CA HIS A 86 7.35 -11.47 -3.57
C HIS A 86 6.75 -11.38 -2.18
N LYS A 87 7.55 -11.72 -1.19
CA LYS A 87 7.20 -11.72 0.22
C LYS A 87 6.64 -10.42 0.78
N ASN A 88 6.95 -9.24 0.16
CA ASN A 88 6.51 -7.95 0.69
C ASN A 88 5.50 -7.20 -0.17
N ILE A 89 4.84 -7.89 -1.09
CA ILE A 89 3.79 -7.30 -1.92
C ILE A 89 2.58 -8.22 -1.87
N ILE A 90 1.37 -7.65 -1.97
CA ILE A 90 0.12 -8.44 -1.87
C ILE A 90 0.08 -9.49 -2.98
N ASN A 91 -0.21 -10.76 -2.61
CA ASN A 91 -0.14 -11.87 -3.54
C ASN A 91 -1.48 -12.28 -4.09
N LEU A 92 -1.67 -12.13 -5.42
CA LEU A 92 -2.87 -12.53 -6.15
C LEU A 92 -2.94 -14.05 -6.18
N LEU A 93 -3.99 -14.61 -5.58
CA LEU A 93 -4.21 -16.05 -5.50
C LEU A 93 -5.03 -16.63 -6.63
N GLY A 94 -6.03 -15.85 -7.07
CA GLY A 94 -6.97 -16.24 -8.12
C GLY A 94 -8.00 -15.17 -8.38
N VAL A 95 -8.93 -15.48 -9.30
CA VAL A 95 -10.02 -14.60 -9.74
C VAL A 95 -11.27 -15.45 -10.04
N CYS A 96 -12.46 -14.85 -9.99
CA CYS A 96 -13.69 -15.54 -10.37
C CYS A 96 -14.29 -14.65 -11.42
N THR A 97 -14.18 -15.03 -12.69
CA THR A 97 -14.68 -14.20 -13.79
C THR A 97 -15.85 -14.82 -14.52
N GLN A 98 -16.09 -16.11 -14.28
CA GLN A 98 -17.11 -16.88 -14.99
C GLN A 98 -18.41 -17.08 -14.22
N GLU A 99 -19.51 -17.06 -14.99
CA GLU A 99 -20.89 -17.32 -14.55
C GLU A 99 -21.24 -16.72 -13.14
N GLY A 100 -20.86 -15.47 -12.93
CA GLY A 100 -21.12 -14.75 -11.68
C GLY A 100 -20.32 -13.48 -11.51
N PRO A 101 -20.51 -12.78 -10.36
CA PRO A 101 -19.75 -11.54 -10.12
C PRO A 101 -18.24 -11.72 -10.12
N LEU A 102 -17.51 -10.67 -10.55
CA LEU A 102 -16.06 -10.65 -10.65
C LEU A 102 -15.39 -10.48 -9.31
N TYR A 103 -14.55 -11.46 -8.97
CA TYR A 103 -13.84 -11.50 -7.70
C TYR A 103 -12.37 -11.48 -7.94
N VAL A 104 -11.66 -10.75 -7.08
CA VAL A 104 -10.22 -10.66 -7.14
C VAL A 104 -9.74 -11.15 -5.77
N ILE A 105 -9.08 -12.30 -5.77
CA ILE A 105 -8.65 -12.94 -4.54
C ILE A 105 -7.16 -12.76 -4.32
N VAL A 106 -6.80 -12.39 -3.10
CA VAL A 106 -5.42 -12.22 -2.64
C VAL A 106 -5.31 -12.86 -1.26
N GLU A 107 -4.09 -12.98 -0.73
CA GLU A 107 -3.84 -13.50 0.61
C GLU A 107 -4.42 -12.55 1.67
N CYS A 108 -4.91 -13.11 2.80
CA CYS A 108 -5.40 -12.24 3.86
C CYS A 108 -4.25 -11.89 4.78
N ALA A 109 -4.09 -10.59 5.07
CA ALA A 109 -3.15 -10.08 6.03
C ALA A 109 -4.04 -9.80 7.25
N ALA A 110 -4.04 -10.72 8.24
CA ALA A 110 -4.88 -10.73 9.46
C ALA A 110 -4.89 -9.46 10.32
N LYS A 111 -3.77 -8.74 10.43
CA LYS A 111 -3.68 -7.55 11.28
C LYS A 111 -4.07 -6.19 10.58
N GLY A 112 -4.58 -6.25 9.34
CA GLY A 112 -5.04 -5.08 8.61
C GLY A 112 -3.95 -4.15 8.08
N ASN A 113 -4.29 -2.89 7.78
CA ASN A 113 -3.36 -1.90 7.24
C ASN A 113 -2.36 -1.40 8.29
N LEU A 114 -1.14 -1.05 7.86
CA LEU A 114 -0.04 -0.57 8.70
C LEU A 114 -0.42 0.66 9.56
N ARG A 115 -1.11 1.69 8.99
CA ARG A 115 -1.55 2.89 9.74
C ARG A 115 -2.32 2.50 11.01
N GLU A 116 -3.41 1.71 10.87
CA GLU A 116 -4.21 1.28 12.00
C GLU A 116 -3.48 0.24 12.86
N PHE A 117 -2.58 -0.59 12.29
CA PHE A 117 -1.78 -1.55 13.07
C PHE A 117 -0.92 -0.78 14.04
N LEU A 118 -0.31 0.32 13.59
CA LEU A 118 0.57 1.16 14.40
C LEU A 118 -0.21 1.96 15.43
N ARG A 119 -1.35 2.55 15.00
CA ARG A 119 -2.22 3.35 15.84
C ARG A 119 -2.78 2.56 17.01
N ALA A 120 -3.13 1.28 16.81
CA ALA A 120 -3.71 0.45 17.86
C ALA A 120 -2.67 -0.05 18.87
N ARG A 121 -1.38 0.07 18.52
CA ARG A 121 -0.26 -0.44 19.30
C ARG A 121 0.64 0.67 19.86
N ARG A 122 0.02 1.80 20.20
CA ARG A 122 0.73 2.92 20.80
C ARG A 122 0.94 2.64 22.31
N PRO A 123 2.12 2.96 22.88
CA PRO A 123 2.34 2.68 24.31
C PRO A 123 1.56 3.62 25.23
N PRO A 124 1.19 3.20 26.47
CA PRO A 124 0.42 4.11 27.34
C PRO A 124 1.29 5.17 28.01
N GLY A 138 4.81 -1.43 26.07
CA GLY A 138 4.31 -1.19 24.73
C GLY A 138 4.47 -2.36 23.76
N PRO A 139 3.49 -2.64 22.85
CA PRO A 139 3.66 -3.77 21.92
C PRO A 139 4.74 -3.57 20.85
N LEU A 140 5.10 -2.32 20.50
CA LEU A 140 6.08 -2.06 19.43
C LEU A 140 7.49 -1.61 19.90
N SER A 141 8.46 -2.48 19.65
CA SER A 141 9.85 -2.21 19.98
C SER A 141 10.49 -1.57 18.78
N PHE A 142 11.54 -0.78 19.02
CA PHE A 142 12.27 -0.11 17.95
C PHE A 142 12.77 -1.09 16.83
N PRO A 143 13.44 -2.23 17.11
CA PRO A 143 13.85 -3.14 16.02
C PRO A 143 12.69 -3.74 15.17
N VAL A 144 11.46 -3.83 15.73
CA VAL A 144 10.29 -4.29 14.98
C VAL A 144 9.85 -3.12 14.09
N LEU A 145 10.04 -1.89 14.56
CA LEU A 145 9.70 -0.71 13.77
C LEU A 145 10.59 -0.62 12.56
N VAL A 146 11.90 -0.88 12.71
CA VAL A 146 12.88 -0.86 11.61
C VAL A 146 12.56 -1.94 10.59
N SER A 147 12.06 -3.10 11.06
CA SER A 147 11.71 -4.27 10.27
C SER A 147 10.57 -3.96 9.33
N CYS A 148 9.51 -3.27 9.83
CA CYS A 148 8.39 -2.79 9.04
C CYS A 148 8.91 -1.92 7.88
N ALA A 149 9.78 -0.95 8.21
CA ALA A 149 10.42 0.02 7.31
C ALA A 149 11.23 -0.69 6.24
N TYR A 150 12.11 -1.63 6.69
CA TYR A 150 12.96 -2.46 5.86
C TYR A 150 12.14 -3.33 4.91
N GLN A 151 11.16 -4.05 5.43
CA GLN A 151 10.24 -4.88 4.62
C GLN A 151 9.53 -4.05 3.51
N VAL A 152 9.01 -2.88 3.83
CA VAL A 152 8.36 -2.02 2.83
C VAL A 152 9.35 -1.59 1.71
N ALA A 153 10.60 -1.27 2.10
CA ALA A 153 11.70 -0.90 1.20
C ALA A 153 12.05 -2.08 0.26
N ARG A 154 11.95 -3.32 0.80
CA ARG A 154 12.24 -4.54 0.08
C ARG A 154 11.16 -4.79 -0.98
N GLY A 155 9.90 -4.52 -0.62
CA GLY A 155 8.75 -4.66 -1.51
C GLY A 155 8.82 -3.66 -2.65
N MET A 156 9.13 -2.41 -2.32
CA MET A 156 9.30 -1.34 -3.27
C MET A 156 10.47 -1.59 -4.22
N GLN A 157 11.61 -2.14 -3.70
CA GLN A 157 12.77 -2.49 -4.49
C GLN A 157 12.32 -3.54 -5.55
N TYR A 158 11.50 -4.53 -5.14
CA TYR A 158 10.93 -5.51 -6.07
C TYR A 158 10.05 -4.79 -7.13
N LEU A 159 9.12 -3.89 -6.71
CA LEU A 159 8.25 -3.13 -7.63
C LEU A 159 9.05 -2.42 -8.69
N GLU A 160 10.11 -1.70 -8.28
CA GLU A 160 10.95 -0.97 -9.22
C GLU A 160 11.66 -1.91 -10.20
N SER A 161 12.13 -3.08 -9.73
CA SER A 161 12.80 -4.08 -10.59
C SER A 161 11.88 -4.60 -11.73
N ARG A 162 10.55 -4.60 -11.48
CA ARG A 162 9.45 -4.99 -12.40
C ARG A 162 8.91 -3.77 -13.19
N LYS A 163 9.57 -2.59 -13.04
CA LYS A 163 9.26 -1.29 -13.68
C LYS A 163 7.84 -0.79 -13.31
N CYS A 164 7.44 -1.07 -12.06
CA CYS A 164 6.15 -0.71 -11.49
C CYS A 164 6.28 0.51 -10.58
N ILE A 165 5.43 1.53 -10.79
CA ILE A 165 5.38 2.77 -9.99
C ILE A 165 4.10 2.69 -9.17
N HIS A 166 4.20 2.97 -7.87
CA HIS A 166 3.09 2.89 -6.93
C HIS A 166 2.12 4.05 -7.09
N ARG A 167 2.62 5.30 -6.98
CA ARG A 167 1.91 6.57 -7.13
C ARG A 167 1.28 7.06 -5.81
N ASP A 168 1.04 6.14 -4.87
CA ASP A 168 0.42 6.46 -3.58
C ASP A 168 0.91 5.56 -2.44
N LEU A 169 2.24 5.55 -2.19
CA LEU A 169 2.85 4.76 -1.13
C LEU A 169 2.64 5.52 0.19
N ALA A 170 1.84 4.90 1.08
CA ALA A 170 1.46 5.39 2.40
C ALA A 170 1.26 4.18 3.29
N ALA A 171 1.35 4.36 4.64
CA ALA A 171 1.10 3.26 5.60
C ALA A 171 -0.26 2.58 5.43
N ARG A 172 -1.30 3.34 5.07
CA ARG A 172 -2.67 2.82 4.88
C ARG A 172 -2.80 1.78 3.74
N ASN A 173 -1.87 1.79 2.75
CA ASN A 173 -1.77 0.91 1.58
C ASN A 173 -0.80 -0.24 1.77
N VAL A 174 -0.31 -0.43 2.99
CA VAL A 174 0.59 -1.52 3.35
C VAL A 174 -0.20 -2.33 4.37
N LEU A 175 -0.21 -3.65 4.20
CA LEU A 175 -0.95 -4.57 5.04
C LEU A 175 -0.04 -5.37 5.95
N VAL A 176 -0.61 -5.87 7.06
CA VAL A 176 0.15 -6.58 8.09
C VAL A 176 -0.45 -7.96 8.30
N THR A 177 0.37 -9.01 8.11
CA THR A 177 -0.06 -10.37 8.32
C THR A 177 -0.04 -10.68 9.82
N GLU A 178 -0.47 -11.88 10.18
CA GLU A 178 -0.46 -12.42 11.52
C GLU A 178 0.97 -12.50 12.07
N ASP A 179 1.97 -12.73 11.16
CA ASP A 179 3.39 -12.84 11.52
C ASP A 179 4.14 -11.52 11.42
N ASN A 180 3.41 -10.39 11.27
CA ASN A 180 3.95 -9.03 11.18
C ASN A 180 4.80 -8.84 9.92
N VAL A 181 4.44 -9.55 8.83
CA VAL A 181 5.12 -9.39 7.54
C VAL A 181 4.37 -8.23 6.80
N MET A 182 5.10 -7.30 6.16
CA MET A 182 4.52 -6.15 5.45
C MET A 182 4.20 -6.57 4.04
N LYS A 183 3.03 -6.16 3.51
CA LYS A 183 2.64 -6.45 2.14
C LYS A 183 2.12 -5.19 1.50
N ILE A 184 2.83 -4.71 0.49
CA ILE A 184 2.43 -3.52 -0.23
C ILE A 184 1.19 -3.87 -1.02
N ALA A 185 0.20 -3.01 -0.92
CA ALA A 185 -1.09 -3.11 -1.59
C ALA A 185 -1.33 -1.71 -2.20
N ASP A 186 -2.51 -1.53 -2.79
CA ASP A 186 -2.97 -0.25 -3.32
C ASP A 186 -4.50 -0.31 -3.32
N PHE A 187 -5.14 0.43 -2.41
CA PHE A 187 -6.61 0.48 -2.24
C PHE A 187 -7.28 1.71 -2.85
N GLY A 188 -6.63 2.88 -2.77
CA GLY A 188 -7.21 4.13 -3.27
C GLY A 188 -7.01 4.26 -4.76
N LEU A 189 -7.34 5.43 -5.38
CA LEU A 189 -7.98 6.65 -4.85
C LEU A 189 -9.16 6.99 -5.74
N ALA A 190 -10.00 7.96 -5.34
CA ALA A 190 -11.14 8.45 -6.11
C ALA A 190 -10.67 9.05 -7.43
N ARG A 191 -11.47 8.89 -8.50
CA ARG A 191 -11.12 9.50 -9.78
C ARG A 191 -11.75 10.89 -9.83
N GLY A 192 -11.13 11.79 -10.57
CA GLY A 192 -11.64 13.14 -10.79
C GLY A 192 -12.51 13.08 -12.03
N VAL A 193 -12.01 13.62 -13.15
CA VAL A 193 -12.72 13.48 -14.42
C VAL A 193 -11.86 12.57 -15.32
N HIS A 194 -10.63 12.97 -15.62
CA HIS A 194 -9.68 12.22 -16.48
C HIS A 194 -8.45 11.69 -15.76
N HIS A 195 -8.24 12.16 -14.53
CA HIS A 195 -7.07 11.77 -13.74
C HIS A 195 -7.49 11.42 -12.34
N ILE A 196 -6.61 10.69 -11.61
CA ILE A 196 -6.81 10.31 -10.20
C ILE A 196 -6.95 11.58 -9.33
N ASP A 197 -7.86 11.56 -8.32
CA ASP A 197 -8.07 12.69 -7.41
C ASP A 197 -7.23 12.53 -6.13
N TYR A 198 -6.17 13.32 -6.01
CA TYR A 198 -5.29 13.27 -4.84
C TYR A 198 -5.74 14.27 -3.79
N TYR A 199 -6.63 15.19 -4.18
CA TYR A 199 -7.07 16.28 -3.32
C TYR A 199 -8.26 15.94 -2.46
N LYS A 200 -9.05 14.95 -2.87
CA LYS A 200 -10.20 14.50 -2.11
C LYS A 200 -9.76 13.87 -0.79
N LYS A 201 -10.33 14.36 0.32
CA LYS A 201 -10.06 13.83 1.66
C LYS A 201 -10.74 12.46 1.72
N THR A 202 -9.97 11.41 2.10
CA THR A 202 -10.51 10.04 2.21
C THR A 202 -11.54 9.93 3.38
N SER A 203 -12.22 8.77 3.49
CA SER A 203 -13.21 8.49 4.54
C SER A 203 -12.58 8.63 5.93
N ASN A 204 -11.27 8.24 6.04
CA ASN A 204 -10.45 8.28 7.24
C ASN A 204 -9.71 9.64 7.44
N GLY A 205 -10.13 10.67 6.70
CA GLY A 205 -9.61 12.02 6.79
C GLY A 205 -8.21 12.24 6.28
N ARG A 206 -7.71 11.27 5.48
CA ARG A 206 -6.36 11.32 4.92
C ARG A 206 -6.31 12.26 3.72
N LEU A 207 -5.22 13.05 3.60
CA LEU A 207 -5.00 13.96 2.48
C LEU A 207 -3.87 13.40 1.61
N PRO A 208 -4.20 12.63 0.52
CA PRO A 208 -3.14 12.00 -0.30
C PRO A 208 -2.01 12.89 -0.84
N VAL A 209 -2.27 14.19 -1.04
CA VAL A 209 -1.24 15.13 -1.52
C VAL A 209 -0.03 15.22 -0.54
N LYS A 210 -0.23 14.80 0.72
CA LYS A 210 0.80 14.85 1.77
C LYS A 210 1.90 13.79 1.59
N TRP A 211 1.69 12.87 0.67
CA TRP A 211 2.65 11.82 0.34
C TRP A 211 3.25 12.11 -1.05
N MET A 212 2.80 13.14 -1.73
CA MET A 212 3.27 13.46 -3.09
C MET A 212 4.59 14.16 -3.15
N ALA A 213 5.48 13.63 -4.00
CA ALA A 213 6.78 14.25 -4.28
C ALA A 213 6.49 15.59 -4.97
N PRO A 214 7.42 16.57 -4.89
CA PRO A 214 7.17 17.86 -5.52
C PRO A 214 6.89 17.78 -7.01
N GLU A 215 7.63 16.95 -7.74
CA GLU A 215 7.47 16.76 -9.19
C GLU A 215 6.16 16.04 -9.51
N ALA A 216 5.63 15.22 -8.57
CA ALA A 216 4.35 14.55 -8.80
C ALA A 216 3.20 15.56 -8.56
N LEU A 217 3.29 16.33 -7.47
CA LEU A 217 2.29 17.33 -7.08
C LEU A 217 2.28 18.56 -8.01
N PHE A 218 3.47 19.15 -8.27
CA PHE A 218 3.62 20.33 -9.10
C PHE A 218 3.78 20.04 -10.61
N ASP A 219 4.45 18.92 -11.04
CA ASP A 219 4.64 18.72 -12.48
C ASP A 219 3.95 17.48 -13.07
N ARG A 220 3.16 16.75 -12.27
CA ARG A 220 2.45 15.54 -12.69
C ARG A 220 3.41 14.44 -13.24
N VAL A 221 4.67 14.42 -12.71
CA VAL A 221 5.75 13.49 -13.08
C VAL A 221 5.91 12.43 -11.99
N TYR A 222 5.75 11.16 -12.39
CA TYR A 222 5.82 10.00 -11.50
C TYR A 222 6.95 9.06 -11.93
N THR A 223 7.91 8.82 -11.03
CA THR A 223 9.03 7.90 -11.27
C THR A 223 9.19 7.08 -9.99
N HIS A 224 10.14 6.14 -9.97
CA HIS A 224 10.49 5.39 -8.79
C HIS A 224 11.02 6.35 -7.71
N GLN A 225 11.70 7.44 -8.15
CA GLN A 225 12.22 8.44 -7.23
C GLN A 225 11.09 9.23 -6.51
N SER A 226 9.91 9.38 -7.17
CA SER A 226 8.80 10.04 -6.52
C SER A 226 8.19 9.09 -5.48
N ASP A 227 8.27 7.77 -5.73
CA ASP A 227 7.85 6.77 -4.75
C ASP A 227 8.82 6.78 -3.55
N VAL A 228 10.12 7.10 -3.81
CA VAL A 228 11.16 7.21 -2.77
C VAL A 228 10.73 8.32 -1.79
N TRP A 229 10.28 9.50 -2.35
CA TRP A 229 9.78 10.61 -1.55
C TRP A 229 8.66 10.12 -0.62
N SER A 230 7.69 9.36 -1.22
CA SER A 230 6.53 8.81 -0.54
C SER A 230 6.95 7.87 0.56
N PHE A 231 7.96 7.04 0.31
CA PHE A 231 8.56 6.15 1.31
C PHE A 231 9.05 6.92 2.52
N GLY A 232 9.67 8.11 2.32
CA GLY A 232 10.11 8.97 3.41
C GLY A 232 8.97 9.40 4.33
N ILE A 233 7.79 9.70 3.73
CA ILE A 233 6.57 10.02 4.47
C ILE A 233 6.10 8.76 5.20
N LEU A 234 6.11 7.60 4.52
CA LEU A 234 5.68 6.36 5.15
C LEU A 234 6.60 6.08 6.37
N LEU A 235 7.91 6.37 6.23
CA LEU A 235 8.88 6.17 7.31
C LEU A 235 8.51 6.98 8.54
N TRP A 236 8.06 8.22 8.30
CA TRP A 236 7.63 9.18 9.30
C TRP A 236 6.40 8.65 10.01
N GLU A 237 5.49 8.02 9.26
CA GLU A 237 4.26 7.42 9.81
C GLU A 237 4.62 6.26 10.75
N ILE A 238 5.58 5.41 10.36
CA ILE A 238 6.07 4.29 11.19
C ILE A 238 6.67 4.79 12.50
N PHE A 239 7.53 5.80 12.41
CA PHE A 239 8.26 6.25 13.58
C PHE A 239 7.48 7.26 14.46
N THR A 240 6.23 7.60 14.06
CA THR A 240 5.28 8.41 14.85
C THR A 240 4.12 7.49 15.33
N LEU A 241 4.17 6.20 14.90
CA LEU A 241 3.18 5.14 15.21
C LEU A 241 1.81 5.50 14.64
N GLY A 242 1.80 5.84 13.36
CA GLY A 242 0.60 6.18 12.60
C GLY A 242 0.18 7.63 12.69
N GLY A 243 1.14 8.54 12.87
CA GLY A 243 0.83 9.97 12.87
C GLY A 243 0.39 10.39 11.49
N SER A 244 -0.40 11.48 11.37
CA SER A 244 -0.78 12.06 10.07
C SER A 244 0.27 13.12 9.68
N PRO A 245 0.91 13.00 8.48
CA PRO A 245 1.99 13.94 8.11
C PRO A 245 1.60 15.41 8.11
N TYR A 246 2.61 16.27 8.34
CA TYR A 246 2.47 17.74 8.46
C TYR A 246 1.30 17.97 9.47
N PRO A 247 1.50 17.49 10.75
CA PRO A 247 0.43 17.41 11.76
C PRO A 247 -0.72 18.41 11.81
N GLY A 248 -0.51 19.66 11.45
CA GLY A 248 -1.59 20.65 11.45
C GLY A 248 -1.37 21.69 10.38
N ILE A 249 -1.09 21.21 9.17
CA ILE A 249 -0.78 22.05 8.04
C ILE A 249 -1.85 21.85 7.01
N PRO A 250 -2.67 22.86 6.67
CA PRO A 250 -3.64 22.67 5.58
C PRO A 250 -2.83 22.53 4.29
N VAL A 251 -3.37 21.77 3.34
CA VAL A 251 -2.75 21.44 2.07
C VAL A 251 -2.32 22.69 1.25
N GLU A 252 -3.04 23.81 1.37
CA GLU A 252 -2.72 25.08 0.71
C GLU A 252 -1.38 25.67 1.21
N GLU A 253 -1.16 25.63 2.53
CA GLU A 253 0.05 26.10 3.21
C GLU A 253 1.27 25.19 2.97
N LEU A 254 1.01 23.87 2.87
CA LEU A 254 2.00 22.84 2.60
C LEU A 254 2.79 23.11 1.31
N PHE A 255 2.09 23.53 0.24
CA PHE A 255 2.71 23.79 -1.07
C PHE A 255 3.89 24.79 -1.01
N SER A 256 3.70 25.95 -0.35
CA SER A 256 4.74 26.97 -0.19
C SER A 256 5.91 26.40 0.61
N LEU A 257 5.59 25.74 1.73
CA LEU A 257 6.53 25.08 2.61
C LEU A 257 7.44 24.12 1.82
N LEU A 258 6.88 23.32 0.90
CA LEU A 258 7.63 22.36 0.09
C LEU A 258 8.50 23.04 -0.96
N ARG A 259 7.92 23.99 -1.72
CA ARG A 259 8.58 24.81 -2.74
C ARG A 259 9.84 25.48 -2.16
N GLU A 260 9.71 25.99 -0.91
CA GLU A 260 10.74 26.69 -0.15
C GLU A 260 11.65 25.75 0.67
N GLY A 261 11.68 24.46 0.30
CA GLY A 261 12.54 23.43 0.87
C GLY A 261 12.37 23.06 2.34
N HIS A 262 11.21 23.38 2.93
CA HIS A 262 10.96 23.03 4.33
C HIS A 262 10.50 21.62 4.41
N ARG A 263 11.03 20.89 5.36
CA ARG A 263 10.68 19.48 5.51
C ARG A 263 10.19 19.23 6.91
N MET A 264 9.47 18.12 7.14
CA MET A 264 9.04 17.79 8.51
C MET A 264 10.22 17.71 9.45
N ASP A 265 10.00 18.17 10.69
CA ASP A 265 11.00 18.13 11.77
C ASP A 265 11.16 16.72 12.24
N ARG A 266 12.26 16.42 12.93
CA ARG A 266 12.47 15.08 13.50
C ARG A 266 11.38 14.82 14.57
N PRO A 267 10.55 13.76 14.44
CA PRO A 267 9.49 13.51 15.44
C PRO A 267 9.95 13.33 16.90
N PRO A 268 8.98 13.41 17.89
CA PRO A 268 9.32 13.30 19.32
C PRO A 268 10.35 12.24 19.77
N HIS A 269 10.16 10.96 19.40
CA HIS A 269 11.08 9.89 19.81
C HIS A 269 11.54 9.04 18.62
N CYS A 270 12.12 9.74 17.65
CA CYS A 270 12.64 9.16 16.42
C CYS A 270 14.17 9.25 16.41
N PRO A 271 14.93 8.13 16.37
CA PRO A 271 16.38 8.25 16.31
C PRO A 271 16.88 8.98 15.05
N PRO A 272 17.96 9.80 15.20
CA PRO A 272 18.53 10.54 14.06
C PRO A 272 18.85 9.70 12.81
N GLU A 273 19.28 8.45 13.00
CA GLU A 273 19.60 7.51 11.90
C GLU A 273 18.41 7.33 10.97
N LEU A 274 17.19 7.28 11.52
CA LEU A 274 16.00 7.07 10.71
C LEU A 274 15.42 8.35 10.20
N TYR A 275 15.61 9.44 10.94
CA TYR A 275 15.16 10.73 10.50
C TYR A 275 16.05 11.20 9.35
N GLY A 276 17.34 10.85 9.40
CA GLY A 276 18.32 11.16 8.35
C GLY A 276 17.94 10.44 7.07
N LEU A 277 17.37 9.24 7.20
CA LEU A 277 16.89 8.48 6.04
C LEU A 277 15.72 9.20 5.35
N MET A 278 14.74 9.67 6.14
CA MET A 278 13.58 10.44 5.67
C MET A 278 14.06 11.66 4.84
N ARG A 279 15.06 12.38 5.38
CA ARG A 279 15.67 13.58 4.79
C ARG A 279 16.31 13.31 3.42
N GLU A 280 17.01 12.17 3.25
CA GLU A 280 17.59 11.71 1.99
C GLU A 280 16.46 11.48 0.97
N CYS A 281 15.35 10.79 1.37
CA CYS A 281 14.16 10.55 0.54
C CYS A 281 13.50 11.87 0.11
N TRP A 282 13.54 12.92 0.97
CA TRP A 282 12.88 14.21 0.71
C TRP A 282 13.79 15.26 0.06
N HIS A 283 14.91 14.83 -0.54
CA HIS A 283 15.79 15.79 -1.23
C HIS A 283 15.01 16.33 -2.41
N ALA A 284 14.93 17.68 -2.53
CA ALA A 284 14.16 18.35 -3.58
C ALA A 284 14.36 17.72 -4.97
N ALA A 285 15.63 17.40 -5.28
CA ALA A 285 16.04 16.80 -6.55
C ALA A 285 15.92 15.29 -6.54
N PRO A 286 15.07 14.70 -7.42
CA PRO A 286 14.92 13.23 -7.46
C PRO A 286 16.23 12.46 -7.62
N SER A 287 17.20 13.07 -8.34
CA SER A 287 18.51 12.50 -8.58
C SER A 287 19.40 12.45 -7.31
N GLN A 288 19.08 13.29 -6.32
CA GLN A 288 19.85 13.33 -5.07
C GLN A 288 19.16 12.56 -3.96
N ARG A 289 18.10 11.81 -4.31
CA ARG A 289 17.39 10.94 -3.37
C ARG A 289 18.01 9.55 -3.47
N PRO A 290 18.06 8.71 -2.40
CA PRO A 290 18.64 7.36 -2.59
C PRO A 290 17.70 6.48 -3.40
N THR A 291 18.18 5.31 -3.84
CA THR A 291 17.35 4.37 -4.56
C THR A 291 16.76 3.42 -3.52
N PHE A 292 15.68 2.70 -3.85
CA PHE A 292 15.10 1.70 -2.96
C PHE A 292 16.14 0.63 -2.61
N LYS A 293 17.02 0.27 -3.59
CA LYS A 293 18.15 -0.64 -3.41
C LYS A 293 19.10 -0.12 -2.32
N GLN A 294 19.33 1.22 -2.25
CA GLN A 294 20.18 1.81 -1.21
C GLN A 294 19.44 1.92 0.12
N LEU A 295 18.10 2.08 0.05
CA LEU A 295 17.27 2.15 1.25
C LEU A 295 17.18 0.78 1.96
N VAL A 296 17.17 -0.32 1.19
CA VAL A 296 17.13 -1.72 1.68
C VAL A 296 18.44 -1.98 2.41
N GLU A 297 19.56 -1.48 1.85
CA GLU A 297 20.88 -1.66 2.44
C GLU A 297 21.05 -0.87 3.73
N ALA A 298 20.56 0.37 3.77
CA ALA A 298 20.69 1.22 4.96
C ALA A 298 19.74 0.74 6.07
N LEU A 299 18.54 0.27 5.71
CA LEU A 299 17.59 -0.28 6.70
C LEU A 299 18.04 -1.65 7.22
N ASP A 300 18.69 -2.47 6.37
CA ASP A 300 19.27 -3.74 6.81
C ASP A 300 20.44 -3.52 7.77
N LYS A 301 21.25 -2.48 7.53
CA LYS A 301 22.34 -2.11 8.41
C LYS A 301 21.81 -1.67 9.80
N VAL A 302 20.69 -0.91 9.84
CA VAL A 302 20.09 -0.44 11.09
C VAL A 302 19.45 -1.61 11.85
N LEU A 303 18.73 -2.50 11.14
CA LEU A 303 18.05 -3.70 11.66
C LEU A 303 19.08 -4.68 12.25
N LEU A 304 20.16 -4.97 11.51
CA LEU A 304 21.24 -5.82 11.99
C LEU A 304 21.87 -5.22 13.25
N ALA A 305 22.25 -3.92 13.23
CA ALA A 305 22.87 -3.24 14.38
C ALA A 305 22.02 -3.29 15.66
N VAL A 306 20.69 -3.04 15.53
CA VAL A 306 19.75 -3.06 16.65
C VAL A 306 19.46 -4.55 16.97
S SO4 B . -3.07 9.97 -13.71
O1 SO4 B . -4.48 9.72 -13.51
O2 SO4 B . -2.34 8.71 -13.68
O3 SO4 B . -2.85 10.60 -15.01
O4 SO4 B . -2.56 10.86 -12.65
N1 0LI C . -6.11 -8.32 4.05
N3 0LI C . -0.38 -0.62 -8.86
C4 0LI C . -6.61 -6.76 -0.47
C5 0LI C . -6.59 -6.53 -1.87
C6 0LI C . -7.51 -7.08 -2.75
C7 0LI C . -7.42 -6.80 -4.11
C8 0LI C . -6.45 -5.94 -4.58
C10 0LI C . -5.61 -5.68 -2.34
C13 0LI C . -3.15 -3.78 -6.04
C15 0LI C . -2.36 -2.47 -7.84
C17 0LI C . -0.82 -3.18 -6.15
C20 0LI C . 0.02 -1.79 -8.06
C21 0LI C . -0.43 0.60 -8.02
C22 0LI C . -0.92 1.70 -8.92
C24 0LI C . 0.41 -0.60 -10.12
C81 0LI C . -7.24 -6.64 5.47
C82 0LI C . -7.89 -5.47 5.45
C83 0LI C . -8.07 -4.89 4.11
N81 0LI C . -7.70 -5.39 2.98
N82 0LI C . -7.08 -6.55 3.11
C84 0LI C . -6.78 -7.21 4.28
C1 0LI C . -5.95 -8.37 2.69
C2 0LI C . -6.55 -7.28 2.10
C3 0LI C . -6.61 -6.98 0.71
C9 0LI C . -5.56 -5.39 -3.68
C11 0LI C . -8.60 -7.98 -2.27
C12 0LI C . -4.46 -4.51 -4.09
O1 0LI C . -3.83 -3.94 -3.20
N2 0LI C . -4.24 -4.44 -5.44
C14 0LI C . -3.40 -3.08 -7.20
C16 0LI C . -1.07 -2.50 -7.33
C18 0LI C . -1.87 -3.83 -5.53
C19 0LI C . 0.56 -3.26 -5.54
F1 0LI C . 0.57 -4.00 -4.41
F2 0LI C . 1.55 -3.76 -6.36
F3 0LI C . 1.02 -2.05 -5.14
C23 0LI C . 0.14 0.67 -10.93
C25 0LI C . -0.07 3.11 -10.72
N4 0LI C . 0.10 1.83 -9.99
#